data_2ZZ6
#
_entry.id   2ZZ6
#
_cell.length_a   57.931
_cell.length_b   73.692
_cell.length_c   59.147
_cell.angle_alpha   90.00
_cell.angle_beta   119.31
_cell.angle_gamma   90.00
#
_symmetry.space_group_name_H-M   'P 1 21 1'
#
loop_
_entity.id
_entity.type
_entity.pdbx_description
1 polymer "Orotidine 5'-phosphate decarboxylase"
2 non-polymer "6-azidouridine 5'-(dihydrogen phosphate)"
3 non-polymer GLYCEROL
4 water water
#
_entity_poly.entity_id   1
_entity_poly.type   'polypeptide(L)'
_entity_poly.pdbx_seq_one_letter_code
;GSHMRSRRVDVMDVMNRLILAMDLMNRDDALRVTGEVREYIDTVKIGYPLVLSEGMDIIAEFRKRFGCRIIADFKVADIP
ETNEKICRATFKAGADAIIVHGFPGADSVRACLNVAEEMGREVFLLTEMSHPGAEMFIQGAADEIARMGVDLGVKNYVGP
STRPERLSRLREIIGQDSFLISPGVGAQGGDPGETLRFADAIIVGRSIYLADNPAAAAAGIIESIKDLRIPEDPAANKAR
KEAELAAATAEQ
;
_entity_poly.pdbx_strand_id   A,B
#
loop_
_chem_comp.id
_chem_comp.type
_chem_comp.name
_chem_comp.formula
6AZ non-polymer '6-azidouridine 5'-(dihydrogen phosphate)' 'C9 H12 N5 O9 P'
GOL non-polymer GLYCEROL 'C3 H8 O3'
#
# COMPACT_ATOMS: atom_id res chain seq x y z
N VAL A 14 14.80 -20.46 2.25
CA VAL A 14 15.60 -19.27 1.85
C VAL A 14 17.06 -19.47 2.28
N MET A 15 18.00 -19.22 1.36
CA MET A 15 19.38 -19.43 1.70
C MET A 15 19.76 -18.70 2.97
N ASN A 16 20.26 -19.45 3.94
CA ASN A 16 20.70 -18.89 5.20
C ASN A 16 19.59 -18.28 6.04
N ARG A 17 18.33 -18.49 5.63
CA ARG A 17 17.17 -17.97 6.38
C ARG A 17 17.21 -16.45 6.45
N LEU A 18 17.88 -15.84 5.48
CA LEU A 18 18.05 -14.39 5.45
C LEU A 18 17.56 -13.77 4.13
N ILE A 19 16.66 -12.80 4.24
CA ILE A 19 16.08 -12.13 3.08
C ILE A 19 16.51 -10.67 3.15
N LEU A 20 17.07 -10.15 2.06
CA LEU A 20 17.53 -8.76 2.07
C LEU A 20 16.37 -7.82 1.70
N ALA A 21 16.12 -6.81 2.53
CA ALA A 21 15.08 -5.81 2.20
C ALA A 21 15.85 -4.71 1.45
N MET A 22 15.76 -4.73 0.12
CA MET A 22 16.51 -3.75 -0.68
C MET A 22 15.70 -2.47 -0.91
N ASP A 23 15.85 -1.56 0.05
CA ASP A 23 15.13 -0.29 0.02
C ASP A 23 15.95 0.94 -0.35
N LEU A 24 17.11 0.74 -0.96
CA LEU A 24 17.84 1.88 -1.48
C LEU A 24 16.99 2.38 -2.64
N MET A 25 17.15 3.66 -3.00
CA MET A 25 16.29 4.25 -4.01
C MET A 25 16.90 4.59 -5.35
C MET A 25 16.90 4.59 -5.35
N ASN A 26 18.12 4.11 -5.60
N ASN A 26 18.12 4.12 -5.60
CA ASN A 26 18.67 4.34 -6.92
CA ASN A 26 18.68 4.34 -6.92
C ASN A 26 19.30 3.03 -7.36
C ASN A 26 19.30 3.03 -7.36
N ARG A 27 19.09 2.73 -8.63
N ARG A 27 19.10 2.74 -8.64
CA ARG A 27 19.53 1.50 -9.25
C ARG A 27 20.99 1.15 -9.02
N ASP A 28 21.89 2.10 -9.22
CA ASP A 28 23.29 1.77 -9.06
C ASP A 28 23.64 1.28 -7.65
N ASP A 29 23.16 1.98 -6.62
CA ASP A 29 23.49 1.56 -5.25
C ASP A 29 22.81 0.22 -4.94
N ALA A 30 21.56 0.07 -5.37
CA ALA A 30 20.82 -1.16 -5.12
C ALA A 30 21.50 -2.36 -5.75
N LEU A 31 21.97 -2.20 -6.99
CA LEU A 31 22.64 -3.29 -7.68
C LEU A 31 23.96 -3.63 -7.00
N ARG A 32 24.72 -2.61 -6.61
CA ARG A 32 26.01 -2.84 -5.95
C ARG A 32 25.86 -3.63 -4.65
N VAL A 33 24.99 -3.15 -3.76
CA VAL A 33 24.81 -3.84 -2.51
C VAL A 33 24.26 -5.25 -2.66
N THR A 34 23.26 -5.42 -3.54
CA THR A 34 22.69 -6.75 -3.70
C THR A 34 23.77 -7.69 -4.26
N GLY A 35 24.60 -7.19 -5.15
CA GLY A 35 25.67 -8.05 -5.69
C GLY A 35 26.69 -8.41 -4.63
N GLU A 36 26.97 -7.48 -3.73
CA GLU A 36 27.95 -7.72 -2.68
C GLU A 36 27.49 -8.76 -1.67
N VAL A 37 26.17 -8.89 -1.49
CA VAL A 37 25.67 -9.84 -0.51
C VAL A 37 25.01 -11.09 -1.10
N ARG A 38 25.01 -11.21 -2.43
CA ARG A 38 24.35 -12.32 -3.09
C ARG A 38 24.80 -13.71 -2.67
N GLU A 39 26.07 -13.84 -2.28
CA GLU A 39 26.55 -15.14 -1.89
C GLU A 39 25.94 -15.61 -0.56
N TYR A 40 25.30 -14.69 0.17
CA TYR A 40 24.69 -15.04 1.47
C TYR A 40 23.17 -15.17 1.50
C TYR A 40 23.19 -15.08 1.37
N ILE A 41 22.52 -14.97 0.35
N ILE A 41 22.65 -14.39 0.37
CA ILE A 41 21.06 -15.04 0.28
CA ILE A 41 21.20 -14.28 0.20
C ILE A 41 20.57 -15.62 -1.05
C ILE A 41 20.72 -14.56 -1.23
N ASP A 42 19.29 -15.96 -1.10
N ASP A 42 19.75 -15.44 -1.36
CA ASP A 42 18.71 -16.47 -2.34
CA ASP A 42 19.17 -15.76 -2.67
C ASP A 42 17.37 -15.78 -2.54
C ASP A 42 17.72 -15.26 -2.80
N THR A 43 17.11 -14.76 -1.72
N THR A 43 17.19 -14.62 -1.75
CA THR A 43 15.83 -14.05 -1.80
C THR A 43 15.96 -12.56 -1.47
N VAL A 44 15.47 -11.71 -2.37
CA VAL A 44 15.52 -10.25 -2.18
C VAL A 44 14.08 -9.72 -2.13
N LYS A 45 13.82 -8.88 -1.13
CA LYS A 45 12.51 -8.26 -0.99
C LYS A 45 12.64 -6.85 -1.56
N ILE A 46 11.84 -6.55 -2.58
CA ILE A 46 11.90 -5.25 -3.26
C ILE A 46 10.58 -4.56 -2.97
N GLY A 47 10.65 -3.28 -2.58
CA GLY A 47 9.43 -2.57 -2.25
C GLY A 47 9.27 -1.29 -3.06
N TYR A 48 8.34 -0.46 -2.62
CA TYR A 48 8.09 0.78 -3.36
C TYR A 48 9.22 1.80 -3.36
N PRO A 49 10.04 1.89 -2.30
CA PRO A 49 11.12 2.89 -2.40
C PRO A 49 11.95 2.68 -3.68
N LEU A 50 12.29 1.42 -3.98
CA LEU A 50 13.07 1.17 -5.18
C LEU A 50 12.21 1.17 -6.46
N VAL A 51 11.05 0.51 -6.42
CA VAL A 51 10.21 0.46 -7.60
C VAL A 51 9.66 1.83 -8.06
N LEU A 52 9.26 2.68 -7.11
CA LEU A 52 8.72 3.97 -7.52
C LEU A 52 9.84 4.91 -7.96
N SER A 53 11.09 4.57 -7.64
CA SER A 53 12.22 5.40 -8.04
C SER A 53 12.85 4.94 -9.35
N GLU A 54 12.83 3.64 -9.60
CA GLU A 54 13.48 3.10 -10.80
C GLU A 54 12.60 2.32 -11.79
N GLY A 55 11.35 2.05 -11.39
CA GLY A 55 10.45 1.35 -12.28
C GLY A 55 10.28 -0.12 -11.97
N MET A 56 9.14 -0.67 -12.39
CA MET A 56 8.87 -2.08 -12.17
C MET A 56 9.84 -3.02 -12.92
N ASP A 57 10.47 -2.53 -13.99
CA ASP A 57 11.43 -3.36 -14.72
C ASP A 57 12.61 -3.79 -13.83
N ILE A 58 12.81 -3.09 -12.71
CA ILE A 58 13.91 -3.45 -11.81
C ILE A 58 13.73 -4.86 -11.24
N ILE A 59 12.49 -5.33 -11.14
CA ILE A 59 12.26 -6.67 -10.59
C ILE A 59 12.85 -7.75 -11.50
N ALA A 60 12.56 -7.67 -12.80
CA ALA A 60 13.06 -8.66 -13.76
C ALA A 60 14.59 -8.52 -13.86
N GLU A 61 15.09 -7.30 -13.76
CA GLU A 61 16.54 -7.11 -13.86
C GLU A 61 17.25 -7.81 -12.71
N PHE A 62 16.72 -7.65 -11.52
CA PHE A 62 17.31 -8.28 -10.34
C PHE A 62 17.21 -9.77 -10.44
N ARG A 63 16.02 -10.25 -10.78
CA ARG A 63 15.82 -11.68 -10.87
C ARG A 63 16.84 -12.33 -11.80
N LYS A 64 17.03 -11.73 -12.95
CA LYS A 64 17.97 -12.26 -13.94
C LYS A 64 19.41 -12.14 -13.46
N ARG A 65 19.82 -10.91 -13.15
CA ARG A 65 21.17 -10.60 -12.71
C ARG A 65 21.67 -11.42 -11.53
N PHE A 66 20.81 -11.59 -10.53
CA PHE A 66 21.20 -12.32 -9.33
C PHE A 66 20.62 -13.71 -9.19
N GLY A 67 19.70 -14.08 -10.08
CA GLY A 67 19.10 -15.40 -10.02
C GLY A 67 18.55 -15.66 -8.64
N CYS A 68 17.91 -14.64 -8.06
CA CYS A 68 17.32 -14.71 -6.71
C CYS A 68 15.81 -14.70 -6.84
N ARG A 69 15.12 -15.12 -5.79
CA ARG A 69 13.66 -15.06 -5.80
C ARG A 69 13.37 -13.61 -5.39
N ILE A 70 12.26 -13.05 -5.87
CA ILE A 70 11.91 -11.68 -5.53
C ILE A 70 10.55 -11.65 -4.86
N ILE A 71 10.51 -11.08 -3.65
CA ILE A 71 9.24 -10.91 -2.96
C ILE A 71 8.93 -9.41 -3.12
N ALA A 72 7.78 -9.07 -3.70
CA ALA A 72 7.39 -7.65 -3.87
C ALA A 72 6.67 -7.22 -2.61
N ASP A 73 7.32 -6.37 -1.81
CA ASP A 73 6.71 -5.96 -0.56
C ASP A 73 5.91 -4.71 -0.80
N PHE A 74 4.71 -4.88 -1.31
CA PHE A 74 3.87 -3.75 -1.65
C PHE A 74 2.77 -3.50 -0.60
N LYS A 75 2.73 -4.34 0.43
CA LYS A 75 1.75 -4.19 1.55
C LYS A 75 0.42 -3.73 1.02
N VAL A 76 -0.06 -4.53 0.07
CA VAL A 76 -1.29 -4.24 -0.65
C VAL A 76 -2.44 -4.04 0.33
N ALA A 77 -3.15 -2.94 0.16
CA ALA A 77 -4.19 -2.60 1.15
C ALA A 77 -5.36 -1.84 0.50
N ASP A 78 -5.86 -2.36 -0.61
CA ASP A 78 -6.96 -1.69 -1.32
C ASP A 78 -8.20 -2.61 -1.37
N ILE A 79 -9.19 -2.19 -2.15
CA ILE A 79 -10.42 -2.99 -2.32
C ILE A 79 -10.10 -4.20 -3.19
N PRO A 80 -10.98 -5.21 -3.22
CA PRO A 80 -10.71 -6.40 -4.02
C PRO A 80 -10.32 -6.14 -5.47
N GLU A 81 -11.13 -5.33 -6.15
CA GLU A 81 -10.85 -5.10 -7.55
C GLU A 81 -9.51 -4.49 -7.87
N THR A 82 -9.08 -3.55 -7.02
CA THR A 82 -7.80 -2.91 -7.25
C THR A 82 -6.66 -3.82 -6.83
N ASN A 83 -6.87 -4.57 -5.75
CA ASN A 83 -5.85 -5.52 -5.29
C ASN A 83 -5.59 -6.51 -6.43
N GLU A 84 -6.62 -6.96 -7.14
CA GLU A 84 -6.36 -7.91 -8.24
C GLU A 84 -5.46 -7.28 -9.29
N LYS A 85 -5.72 -6.03 -9.63
CA LYS A 85 -4.94 -5.33 -10.65
C LYS A 85 -3.51 -5.14 -10.19
N ILE A 86 -3.33 -4.80 -8.91
CA ILE A 86 -1.97 -4.61 -8.39
C ILE A 86 -1.20 -5.95 -8.42
N CYS A 87 -1.84 -7.03 -8.00
CA CYS A 87 -1.18 -8.33 -8.02
C CYS A 87 -0.86 -8.75 -9.45
N ARG A 88 -1.80 -8.53 -10.38
CA ARG A 88 -1.53 -8.93 -11.75
C ARG A 88 -0.33 -8.19 -12.31
N ALA A 89 -0.26 -6.87 -12.08
CA ALA A 89 0.86 -6.09 -12.61
C ALA A 89 2.18 -6.51 -11.97
N THR A 90 2.12 -6.88 -10.69
CA THR A 90 3.33 -7.26 -9.95
C THR A 90 3.88 -8.60 -10.42
N PHE A 91 2.99 -9.56 -10.65
CA PHE A 91 3.46 -10.86 -11.14
C PHE A 91 3.89 -10.76 -12.60
N LYS A 92 3.22 -9.92 -13.38
CA LYS A 92 3.61 -9.73 -14.77
C LYS A 92 5.04 -9.22 -14.79
N ALA A 93 5.39 -8.40 -13.80
CA ALA A 93 6.74 -7.86 -13.72
C ALA A 93 7.80 -8.87 -13.28
N GLY A 94 7.38 -10.09 -12.93
CA GLY A 94 8.37 -11.10 -12.55
C GLY A 94 8.46 -11.45 -11.09
N ALA A 95 7.71 -10.79 -10.21
CA ALA A 95 7.82 -11.15 -8.80
C ALA A 95 7.36 -12.57 -8.51
N ASP A 96 8.03 -13.22 -7.57
CA ASP A 96 7.63 -14.58 -7.20
C ASP A 96 6.51 -14.59 -6.17
N ALA A 97 6.43 -13.53 -5.36
CA ALA A 97 5.43 -13.45 -4.31
C ALA A 97 5.14 -11.97 -4.03
N ILE A 98 4.03 -11.71 -3.35
CA ILE A 98 3.67 -10.34 -2.98
C ILE A 98 3.20 -10.35 -1.54
N ILE A 99 3.52 -9.29 -0.78
CA ILE A 99 3.07 -9.17 0.60
C ILE A 99 1.80 -8.32 0.61
C ILE A 99 1.83 -8.28 0.62
N VAL A 100 0.78 -8.83 1.30
N VAL A 100 0.77 -8.77 1.23
CA VAL A 100 -0.54 -8.22 1.35
CA VAL A 100 -0.50 -8.05 1.29
C VAL A 100 -1.00 -7.97 2.80
C VAL A 100 -1.00 -7.92 2.73
N HIS A 101 -1.62 -6.82 3.04
N HIS A 101 -1.60 -6.78 3.05
CA HIS A 101 -2.12 -6.54 4.39
C HIS A 101 -3.40 -7.34 4.62
N GLY A 102 -3.59 -7.85 5.84
CA GLY A 102 -4.83 -8.55 6.12
C GLY A 102 -5.86 -7.60 6.73
C GLY A 102 -5.88 -7.64 6.78
N PHE A 103 -5.41 -6.52 7.39
N PHE A 103 -5.52 -6.43 7.19
CA PHE A 103 -6.34 -5.59 8.05
CA PHE A 103 -6.54 -5.62 7.85
C PHE A 103 -7.57 -5.17 7.23
C PHE A 103 -7.71 -5.14 6.99
N PRO A 104 -7.42 -5.01 5.90
N PRO A 104 -7.54 -5.04 5.66
CA PRO A 104 -8.58 -4.62 5.07
CA PRO A 104 -8.69 -4.60 4.86
C PRO A 104 -9.68 -5.66 4.96
C PRO A 104 -9.74 -5.69 4.75
N GLY A 105 -9.41 -6.91 5.38
N GLY A 105 -9.47 -6.85 5.34
CA GLY A 105 -10.46 -7.91 5.32
C GLY A 105 -10.28 -9.06 4.36
N ALA A 106 -11.17 -10.03 4.52
CA ALA A 106 -11.05 -11.26 3.75
C ALA A 106 -11.23 -11.15 2.27
N ASP A 107 -12.14 -10.29 1.81
CA ASP A 107 -12.36 -10.22 0.38
C ASP A 107 -11.13 -9.62 -0.30
N SER A 108 -10.50 -8.66 0.37
CA SER A 108 -9.32 -8.04 -0.22
C SER A 108 -8.19 -9.07 -0.32
N VAL A 109 -8.06 -9.90 0.70
CA VAL A 109 -7.02 -10.92 0.68
C VAL A 109 -7.35 -11.99 -0.38
N ARG A 110 -8.61 -12.44 -0.43
CA ARG A 110 -8.99 -13.44 -1.43
C ARG A 110 -8.72 -12.97 -2.87
N ALA A 111 -8.89 -11.68 -3.13
CA ALA A 111 -8.64 -11.18 -4.47
C ALA A 111 -7.18 -11.45 -4.83
N CYS A 112 -6.27 -11.27 -3.87
CA CYS A 112 -4.83 -11.47 -4.14
C CYS A 112 -4.55 -12.96 -4.35
N LEU A 113 -5.15 -13.78 -3.49
CA LEU A 113 -4.97 -15.23 -3.61
C LEU A 113 -5.48 -15.74 -4.97
N ASN A 114 -6.59 -15.19 -5.46
CA ASN A 114 -7.11 -15.65 -6.75
C ASN A 114 -6.13 -15.34 -7.86
N VAL A 115 -5.54 -14.14 -7.85
CA VAL A 115 -4.57 -13.82 -8.90
C VAL A 115 -3.32 -14.69 -8.75
N ALA A 116 -2.84 -14.92 -7.52
CA ALA A 116 -1.64 -15.76 -7.33
C ALA A 116 -1.94 -17.16 -7.85
N GLU A 117 -3.16 -17.63 -7.62
CA GLU A 117 -3.50 -18.98 -8.11
C GLU A 117 -3.48 -19.02 -9.63
N GLU A 118 -4.02 -17.97 -10.25
CA GLU A 118 -4.07 -17.90 -11.71
C GLU A 118 -2.67 -17.84 -12.33
N MET A 119 -1.74 -17.17 -11.61
CA MET A 119 -0.42 -16.97 -12.19
C MET A 119 0.68 -17.81 -11.64
N GLY A 120 0.31 -18.75 -10.78
CA GLY A 120 1.29 -19.65 -10.22
C GLY A 120 2.28 -19.01 -9.27
N ARG A 121 1.81 -18.03 -8.50
CA ARG A 121 2.67 -17.34 -7.54
C ARG A 121 2.16 -17.47 -6.11
N GLU A 122 2.81 -16.74 -5.18
CA GLU A 122 2.43 -16.81 -3.81
C GLU A 122 2.09 -15.48 -3.14
N VAL A 123 1.22 -15.56 -2.15
CA VAL A 123 0.82 -14.38 -1.39
C VAL A 123 1.34 -14.55 0.04
N PHE A 124 1.93 -13.49 0.59
CA PHE A 124 2.34 -13.53 2.00
C PHE A 124 1.38 -12.60 2.71
N LEU A 125 0.78 -13.06 3.81
CA LEU A 125 -0.16 -12.21 4.56
C LEU A 125 0.52 -11.54 5.73
N LEU A 126 0.50 -10.21 5.74
CA LEU A 126 1.10 -9.43 6.83
C LEU A 126 0.03 -9.33 7.92
N THR A 127 0.35 -9.82 9.12
CA THR A 127 -0.58 -9.80 10.24
C THR A 127 -0.27 -8.57 11.10
N GLU A 128 0.69 -8.67 12.00
CA GLU A 128 1.03 -7.53 12.86
C GLU A 128 2.31 -6.89 12.33
N MET A 129 2.36 -5.57 12.31
CA MET A 129 3.53 -4.85 11.84
C MET A 129 4.53 -4.66 12.98
N SER A 130 5.76 -4.35 12.59
CA SER A 130 6.86 -4.26 13.55
C SER A 130 7.15 -2.94 14.22
N HIS A 131 6.60 -1.83 13.71
CA HIS A 131 6.88 -0.51 14.26
C HIS A 131 6.01 -0.17 15.46
N PRO A 132 6.40 0.84 16.23
CA PRO A 132 5.61 1.22 17.42
C PRO A 132 4.11 1.48 17.17
N GLY A 133 3.81 2.18 16.09
CA GLY A 133 2.41 2.51 15.79
C GLY A 133 1.52 1.29 15.58
N ALA A 134 2.12 0.13 15.32
CA ALA A 134 1.32 -1.09 15.13
C ALA A 134 0.52 -1.42 16.37
N GLU A 135 0.95 -0.88 17.51
CA GLU A 135 0.23 -1.18 18.74
C GLU A 135 -1.14 -0.50 18.82
N MET A 136 -1.33 0.54 18.03
CA MET A 136 -2.58 1.29 18.13
C MET A 136 -3.81 0.58 17.66
N PHE A 137 -3.74 0.00 16.47
CA PHE A 137 -4.90 -0.66 15.88
C PHE A 137 -4.62 -2.06 15.36
N ILE A 138 -3.46 -2.25 14.76
CA ILE A 138 -3.17 -3.54 14.18
C ILE A 138 -3.00 -4.68 15.16
N GLN A 139 -2.24 -4.44 16.22
CA GLN A 139 -1.98 -5.50 17.18
C GLN A 139 -3.26 -6.13 17.73
N GLY A 140 -4.25 -5.30 18.04
CA GLY A 140 -5.49 -5.82 18.61
C GLY A 140 -6.30 -6.68 17.67
N ALA A 141 -6.03 -6.56 16.37
CA ALA A 141 -6.76 -7.34 15.37
C ALA A 141 -5.88 -8.42 14.78
N ALA A 142 -4.58 -8.41 15.12
CA ALA A 142 -3.67 -9.35 14.50
C ALA A 142 -3.95 -10.83 14.65
N ASP A 143 -4.35 -11.27 15.84
CA ASP A 143 -4.65 -12.70 16.01
C ASP A 143 -5.80 -13.09 15.07
N GLU A 144 -6.82 -12.25 15.00
CA GLU A 144 -7.95 -12.51 14.11
C GLU A 144 -7.55 -12.48 12.65
N ILE A 145 -6.66 -11.56 12.29
CA ILE A 145 -6.21 -11.48 10.89
C ILE A 145 -5.49 -12.79 10.57
N ALA A 146 -4.69 -13.29 11.51
CA ALA A 146 -3.96 -14.53 11.27
C ALA A 146 -4.95 -15.71 11.11
N ARG A 147 -5.98 -15.76 11.93
CA ARG A 147 -6.96 -16.84 11.84
C ARG A 147 -7.72 -16.75 10.52
N MET A 148 -8.01 -15.54 10.08
CA MET A 148 -8.68 -15.34 8.80
C MET A 148 -7.77 -15.93 7.71
N GLY A 149 -6.47 -15.66 7.82
CA GLY A 149 -5.54 -16.22 6.86
C GLY A 149 -5.63 -17.74 6.80
N VAL A 150 -5.62 -18.36 7.96
CA VAL A 150 -5.71 -19.82 8.02
C VAL A 150 -6.99 -20.29 7.33
N ASP A 151 -8.10 -19.62 7.62
CA ASP A 151 -9.39 -19.98 7.04
C ASP A 151 -9.42 -19.81 5.52
N LEU A 152 -8.65 -18.85 5.00
CA LEU A 152 -8.59 -18.62 3.56
C LEU A 152 -7.59 -19.53 2.87
N GLY A 153 -6.80 -20.26 3.66
CA GLY A 153 -5.84 -21.16 3.06
C GLY A 153 -4.47 -20.53 2.81
N VAL A 154 -4.24 -19.39 3.43
CA VAL A 154 -2.94 -18.72 3.29
C VAL A 154 -1.86 -19.61 3.92
N LYS A 155 -0.71 -19.74 3.27
CA LYS A 155 0.34 -20.57 3.82
C LYS A 155 1.63 -19.80 4.10
N ASN A 156 1.65 -18.50 3.76
CA ASN A 156 2.85 -17.67 3.96
C ASN A 156 2.43 -16.43 4.74
N TYR A 157 3.20 -16.10 5.79
CA TYR A 157 2.85 -15.00 6.69
C TYR A 157 4.04 -14.10 7.03
N VAL A 158 3.75 -12.90 7.52
CA VAL A 158 4.76 -11.93 7.95
C VAL A 158 4.32 -11.45 9.33
N GLY A 159 5.26 -11.45 10.27
CA GLY A 159 5.00 -11.07 11.66
C GLY A 159 6.21 -10.31 12.19
N PRO A 160 6.07 -9.58 13.30
CA PRO A 160 7.13 -8.73 13.89
C PRO A 160 8.28 -9.23 14.72
N SER A 161 9.50 -8.95 14.24
CA SER A 161 10.73 -9.36 14.94
C SER A 161 10.81 -8.61 16.27
N THR A 162 10.31 -7.38 16.28
CA THR A 162 10.33 -6.53 17.47
C THR A 162 9.46 -7.01 18.64
N ARG A 163 8.58 -7.98 18.40
CA ARG A 163 7.74 -8.50 19.50
C ARG A 163 7.70 -10.02 19.37
N PRO A 164 8.75 -10.69 19.87
CA PRO A 164 8.78 -12.15 19.77
C PRO A 164 7.62 -12.90 20.45
N GLU A 165 7.05 -12.29 21.49
CA GLU A 165 5.92 -12.94 22.15
C GLU A 165 4.72 -12.91 21.19
N ARG A 166 4.62 -11.86 20.37
CA ARG A 166 3.51 -11.79 19.39
C ARG A 166 3.84 -12.76 18.23
N LEU A 167 5.11 -12.84 17.85
CA LEU A 167 5.53 -13.74 16.79
C LEU A 167 5.23 -15.18 17.22
N SER A 168 5.43 -15.47 18.50
CA SER A 168 5.14 -16.81 19.02
C SER A 168 3.64 -17.10 18.91
N ARG A 169 2.83 -16.14 19.33
CA ARG A 169 1.38 -16.31 19.25
C ARG A 169 0.93 -16.48 17.79
N LEU A 170 1.56 -15.75 16.84
CA LEU A 170 1.19 -15.88 15.42
C LEU A 170 1.58 -17.26 14.91
N ARG A 171 2.75 -17.75 15.33
CA ARG A 171 3.21 -19.07 14.93
C ARG A 171 2.22 -20.11 15.45
N GLU A 172 1.71 -19.85 16.65
CA GLU A 172 0.77 -20.76 17.30
C GLU A 172 -0.50 -20.88 16.47
N ILE A 173 -0.96 -19.76 15.93
CA ILE A 173 -2.18 -19.75 15.16
C ILE A 173 -1.99 -20.38 13.79
N ILE A 174 -0.91 -20.05 13.09
CA ILE A 174 -0.71 -20.59 11.76
C ILE A 174 -0.14 -21.99 11.66
N GLY A 175 0.35 -22.53 12.77
CA GLY A 175 0.90 -23.88 12.71
C GLY A 175 2.33 -23.96 12.22
N GLN A 176 2.95 -25.13 12.37
CA GLN A 176 4.34 -25.32 11.99
C GLN A 176 4.60 -25.47 10.49
N ASP A 177 3.55 -25.83 9.74
CA ASP A 177 3.66 -26.04 8.30
C ASP A 177 3.68 -24.74 7.50
N SER A 178 3.10 -23.68 8.05
CA SER A 178 3.08 -22.39 7.36
C SER A 178 4.48 -21.78 7.38
N PHE A 179 4.78 -20.94 6.39
CA PHE A 179 6.08 -20.29 6.25
C PHE A 179 5.91 -18.87 6.81
N LEU A 180 6.81 -18.47 7.71
CA LEU A 180 6.69 -17.18 8.39
C LEU A 180 7.99 -16.40 8.26
N ILE A 181 7.91 -15.17 7.74
CA ILE A 181 9.11 -14.34 7.60
C ILE A 181 8.89 -13.13 8.49
N SER A 182 9.99 -12.50 8.88
CA SER A 182 9.82 -11.47 9.89
C SER A 182 10.75 -10.27 9.76
N PRO A 183 10.19 -9.06 9.58
CA PRO A 183 11.02 -7.85 9.47
C PRO A 183 11.13 -7.18 10.84
N GLY A 184 12.10 -6.27 10.96
CA GLY A 184 12.33 -5.56 12.19
C GLY A 184 13.62 -5.98 12.87
N VAL A 185 14.42 -6.78 12.18
CA VAL A 185 15.70 -7.24 12.74
C VAL A 185 16.76 -6.18 12.46
N GLY A 186 17.52 -5.82 13.51
CA GLY A 186 18.61 -4.86 13.36
C GLY A 186 18.19 -3.44 13.65
N ALA A 187 18.00 -2.64 12.61
CA ALA A 187 17.64 -1.24 12.82
C ALA A 187 16.44 -1.03 13.74
N GLN A 188 15.39 -1.83 13.61
CA GLN A 188 14.22 -1.64 14.46
C GLN A 188 14.33 -2.23 15.86
N GLY A 189 15.42 -2.95 16.11
CA GLY A 189 15.65 -3.51 17.44
C GLY A 189 15.54 -5.02 17.59
N GLY A 190 15.01 -5.69 16.58
CA GLY A 190 14.85 -7.13 16.66
C GLY A 190 16.17 -7.88 16.58
N ASP A 191 16.16 -9.08 17.16
CA ASP A 191 17.33 -9.94 17.21
C ASP A 191 17.20 -11.14 16.24
N PRO A 192 18.23 -11.43 15.42
CA PRO A 192 18.16 -12.56 14.49
C PRO A 192 17.82 -13.88 15.18
N GLY A 193 18.63 -14.24 16.16
CA GLY A 193 18.44 -15.48 16.87
C GLY A 193 17.08 -15.67 17.53
N GLU A 194 16.63 -14.70 18.30
CA GLU A 194 15.33 -14.82 18.96
C GLU A 194 14.20 -14.88 17.95
N THR A 195 14.31 -14.10 16.88
CA THR A 195 13.25 -14.09 15.88
C THR A 195 13.12 -15.45 15.19
N LEU A 196 14.27 -16.08 14.92
CA LEU A 196 14.29 -17.38 14.27
C LEU A 196 13.80 -18.53 15.17
N ARG A 197 13.48 -18.23 16.42
CA ARG A 197 12.92 -19.27 17.27
C ARG A 197 11.49 -19.52 16.76
N PHE A 198 10.92 -18.52 16.09
CA PHE A 198 9.53 -18.64 15.61
C PHE A 198 9.36 -18.48 14.12
N ALA A 199 10.15 -17.61 13.51
CA ALA A 199 10.03 -17.39 12.06
C ALA A 199 10.97 -18.33 11.31
N ASP A 200 10.62 -18.64 10.07
CA ASP A 200 11.47 -19.47 9.23
C ASP A 200 12.61 -18.65 8.64
N ALA A 201 12.38 -17.36 8.41
CA ALA A 201 13.43 -16.52 7.87
C ALA A 201 13.26 -15.10 8.37
N ILE A 202 14.38 -14.38 8.45
CA ILE A 202 14.34 -13.01 8.89
C ILE A 202 14.57 -12.08 7.72
N ILE A 203 13.91 -10.92 7.76
CA ILE A 203 14.11 -9.89 6.74
C ILE A 203 15.05 -8.82 7.34
N VAL A 204 16.11 -8.45 6.60
CA VAL A 204 17.03 -7.42 7.12
C VAL A 204 17.29 -6.40 6.03
N GLY A 205 17.09 -5.13 6.37
CA GLY A 205 17.32 -4.07 5.40
C GLY A 205 18.49 -3.17 5.78
N ARG A 206 18.21 -2.09 6.48
CA ARG A 206 19.25 -1.12 6.83
C ARG A 206 20.51 -1.66 7.48
N SER A 207 20.40 -2.63 8.37
CA SER A 207 21.58 -3.20 9.04
C SER A 207 22.59 -3.71 8.02
N ILE A 208 22.09 -4.09 6.85
CA ILE A 208 22.99 -4.52 5.78
C ILE A 208 23.24 -3.40 4.76
N TYR A 209 22.18 -2.82 4.18
CA TYR A 209 22.43 -1.87 3.12
C TYR A 209 22.98 -0.50 3.48
N LEU A 210 22.93 -0.12 4.75
CA LEU A 210 23.53 1.15 5.17
C LEU A 210 24.88 0.90 5.82
N ALA A 211 25.28 -0.36 5.92
CA ALA A 211 26.56 -0.70 6.53
C ALA A 211 27.74 -0.25 5.67
N ASP A 212 28.86 0.01 6.32
CA ASP A 212 30.05 0.40 5.55
C ASP A 212 30.48 -0.81 4.67
N ASN A 213 30.25 -2.03 5.15
CA ASN A 213 30.60 -3.24 4.39
C ASN A 213 29.38 -4.16 4.49
N PRO A 214 28.44 -4.04 3.53
CA PRO A 214 27.24 -4.87 3.53
C PRO A 214 27.52 -6.37 3.58
N ALA A 215 28.54 -6.85 2.86
CA ALA A 215 28.86 -8.27 2.88
C ALA A 215 29.29 -8.72 4.29
N ALA A 216 30.09 -7.91 4.98
CA ALA A 216 30.52 -8.26 6.32
C ALA A 216 29.32 -8.24 7.27
N ALA A 217 28.40 -7.29 7.07
CA ALA A 217 27.21 -7.21 7.93
C ALA A 217 26.36 -8.47 7.73
N ALA A 218 26.15 -8.88 6.48
CA ALA A 218 25.35 -10.08 6.18
C ALA A 218 26.04 -11.31 6.75
N ALA A 219 27.36 -11.37 6.56
CA ALA A 219 28.12 -12.52 7.06
C ALA A 219 28.02 -12.62 8.59
N GLY A 220 28.09 -11.48 9.26
CA GLY A 220 28.01 -11.48 10.71
C GLY A 220 26.67 -12.01 11.16
N ILE A 221 25.61 -11.59 10.46
CA ILE A 221 24.28 -12.08 10.84
C ILE A 221 24.19 -13.58 10.66
N ILE A 222 24.66 -14.07 9.52
CA ILE A 222 24.59 -15.49 9.23
C ILE A 222 25.37 -16.34 10.23
N GLU A 223 26.48 -15.81 10.72
CA GLU A 223 27.29 -16.52 11.70
C GLU A 223 26.56 -16.66 13.02
N SER A 224 25.75 -15.67 13.37
CA SER A 224 25.01 -15.77 14.63
C SER A 224 23.81 -16.71 14.43
N ILE A 225 23.39 -16.87 13.17
CA ILE A 225 22.27 -17.75 12.83
C ILE A 225 22.70 -19.22 12.82
N LYS A 226 23.67 -19.54 11.98
CA LYS A 226 24.19 -20.90 11.86
C LYS A 226 24.43 -21.54 13.23
N ASP A 227 24.77 -20.70 14.20
CA ASP A 227 25.03 -21.20 15.54
C ASP A 227 23.75 -21.55 16.32
N LEU A 228 22.64 -21.68 15.60
CA LEU A 228 21.36 -22.04 16.23
C LEU A 228 21.13 -23.54 16.10
N VAL B 14 -12.81 20.87 -5.74
CA VAL B 14 -12.53 20.29 -7.05
C VAL B 14 -13.65 20.64 -8.04
N MET B 15 -13.30 20.81 -9.31
CA MET B 15 -14.28 21.17 -10.31
C MET B 15 -15.42 20.17 -10.28
N ASN B 16 -16.63 20.70 -10.08
CA ASN B 16 -17.82 19.88 -10.06
C ASN B 16 -17.87 18.87 -8.92
N ARG B 17 -16.95 18.95 -7.96
CA ARG B 17 -16.93 18.05 -6.81
C ARG B 17 -16.74 16.60 -7.25
N LEU B 18 -16.16 16.43 -8.42
CA LEU B 18 -15.94 15.09 -9.00
C LEU B 18 -14.47 14.81 -9.29
N ILE B 19 -13.96 13.70 -8.75
CA ILE B 19 -12.55 13.29 -8.94
C ILE B 19 -12.58 11.97 -9.70
N LEU B 20 -11.82 11.89 -10.79
CA LEU B 20 -11.80 10.66 -11.59
C LEU B 20 -10.78 9.68 -11.04
N ALA B 21 -11.19 8.45 -10.76
CA ALA B 21 -10.24 7.43 -10.29
C ALA B 21 -9.78 6.74 -11.59
N MET B 22 -8.59 7.11 -12.06
CA MET B 22 -8.12 6.56 -13.34
C MET B 22 -7.32 5.29 -13.11
N ASP B 23 -8.04 4.17 -13.08
CA ASP B 23 -7.45 2.87 -12.84
C ASP B 23 -7.33 1.96 -14.06
N LEU B 24 -7.40 2.54 -15.26
CA LEU B 24 -7.12 1.73 -16.45
C LEU B 24 -5.62 1.43 -16.35
N MET B 25 -5.17 0.36 -17.02
CA MET B 25 -3.79 -0.07 -16.87
C MET B 25 -2.90 0.12 -18.09
C MET B 25 -2.89 0.11 -18.09
N ASN B 26 -3.37 0.83 -19.09
N ASN B 26 -3.37 0.84 -19.09
CA ASN B 26 -2.48 1.10 -20.20
CA ASN B 26 -2.47 1.10 -20.19
C ASN B 26 -2.62 2.56 -20.53
C ASN B 26 -2.62 2.57 -20.53
N ARG B 27 -1.48 3.16 -20.83
N ARG B 27 -1.47 3.16 -20.82
CA ARG B 27 -1.37 4.58 -21.11
C ARG B 27 -2.32 5.10 -22.17
N ASP B 28 -2.45 4.39 -23.29
CA ASP B 28 -3.31 4.89 -24.34
C ASP B 28 -4.76 5.03 -23.90
N ASP B 29 -5.28 4.02 -23.23
CA ASP B 29 -6.68 4.07 -22.80
C ASP B 29 -6.86 5.11 -21.69
N ALA B 30 -5.90 5.17 -20.78
CA ALA B 30 -5.97 6.14 -19.69
C ALA B 30 -5.96 7.57 -20.21
N LEU B 31 -5.08 7.83 -21.19
CA LEU B 31 -5.02 9.16 -21.77
C LEU B 31 -6.32 9.54 -22.48
N ARG B 32 -6.86 8.61 -23.26
CA ARG B 32 -8.09 8.84 -24.01
C ARG B 32 -9.26 9.18 -23.09
N VAL B 33 -9.52 8.32 -22.10
CA VAL B 33 -10.62 8.58 -21.19
C VAL B 33 -10.45 9.87 -20.39
N THR B 34 -9.25 10.10 -19.86
CA THR B 34 -9.05 11.32 -19.07
C THR B 34 -9.27 12.55 -19.97
N GLY B 35 -8.82 12.49 -21.21
CA GLY B 35 -9.01 13.62 -22.10
C GLY B 35 -10.49 13.85 -22.43
N GLU B 36 -11.24 12.75 -22.54
CA GLU B 36 -12.65 12.85 -22.86
C GLU B 36 -13.48 13.45 -21.72
N VAL B 37 -13.01 13.30 -20.48
CA VAL B 37 -13.78 13.83 -19.37
C VAL B 37 -13.17 15.06 -18.70
N ARG B 38 -12.06 15.55 -19.22
CA ARG B 38 -11.36 16.69 -18.62
C ARG B 38 -12.18 17.94 -18.45
N GLU B 39 -13.13 18.18 -19.34
CA GLU B 39 -13.93 19.38 -19.20
C GLU B 39 -14.84 19.31 -17.97
N TYR B 40 -14.99 18.13 -17.36
CA TYR B 40 -15.87 17.98 -16.21
C TYR B 40 -15.18 17.80 -14.85
C TYR B 40 -15.08 17.78 -14.93
N ILE B 41 -13.85 17.82 -14.84
N ILE B 41 -13.82 17.38 -15.09
CA ILE B 41 -13.09 17.64 -13.60
CA ILE B 41 -12.96 17.06 -13.96
C ILE B 41 -11.86 18.54 -13.55
C ILE B 41 -11.54 17.65 -14.07
N ASP B 42 -11.22 18.60 -12.40
N ASP B 42 -11.11 18.37 -13.03
CA ASP B 42 -10.01 19.39 -12.25
CA ASP B 42 -9.76 18.93 -13.02
C ASP B 42 -9.04 18.59 -11.40
C ASP B 42 -8.85 18.23 -11.98
N THR B 43 -9.40 17.34 -11.14
N THR B 43 -9.38 17.24 -11.26
CA THR B 43 -8.57 16.48 -10.30
C THR B 43 -8.66 15.01 -10.67
N VAL B 44 -7.50 14.38 -10.89
CA VAL B 44 -7.45 12.96 -11.26
C VAL B 44 -6.72 12.20 -10.17
N LYS B 45 -7.30 11.07 -9.77
CA LYS B 45 -6.69 10.20 -8.76
C LYS B 45 -6.01 9.08 -9.53
N ILE B 46 -4.70 8.96 -9.36
CA ILE B 46 -3.93 7.92 -10.08
C ILE B 46 -3.38 6.97 -9.02
N GLY B 47 -3.53 5.66 -9.26
CA GLY B 47 -3.09 4.68 -8.29
C GLY B 47 -2.09 3.69 -8.88
N TYR B 48 -1.89 2.61 -8.14
CA TYR B 48 -0.91 1.60 -8.58
C TYR B 48 -1.29 0.84 -9.84
N PRO B 49 -2.60 0.60 -10.10
CA PRO B 49 -2.87 -0.13 -11.35
C PRO B 49 -2.23 0.58 -12.57
N LEU B 50 -2.33 1.90 -12.62
CA LEU B 50 -1.74 2.62 -13.76
C LEU B 50 -0.23 2.82 -13.57
N VAL B 51 0.19 3.25 -12.38
CA VAL B 51 1.62 3.51 -12.17
C VAL B 51 2.50 2.26 -12.27
N LEU B 52 2.02 1.14 -11.77
CA LEU B 52 2.85 -0.08 -11.84
C LEU B 52 2.85 -0.66 -13.25
N SER B 53 1.92 -0.20 -14.09
CA SER B 53 1.85 -0.69 -15.47
C SER B 53 2.59 0.22 -16.44
N GLU B 54 2.59 1.53 -16.16
CA GLU B 54 3.19 2.49 -17.09
C GLU B 54 4.32 3.36 -16.53
N GLY B 55 4.57 3.28 -15.23
CA GLY B 55 5.63 4.06 -14.64
C GLY B 55 5.21 5.33 -13.91
N MET B 56 6.03 5.77 -12.97
CA MET B 56 5.74 6.99 -12.22
C MET B 56 5.73 8.25 -13.11
N ASP B 57 6.43 8.19 -14.25
CA ASP B 57 6.45 9.36 -15.15
C ASP B 57 5.04 9.72 -15.65
N ILE B 58 4.10 8.77 -15.56
CA ILE B 58 2.74 9.05 -16.02
C ILE B 58 2.08 10.17 -15.20
N ILE B 59 2.51 10.37 -13.95
CA ILE B 59 1.92 11.42 -13.13
C ILE B 59 2.23 12.80 -13.72
N ALA B 60 3.50 13.05 -14.04
CA ALA B 60 3.88 14.35 -14.59
C ALA B 60 3.28 14.51 -15.99
N GLU B 61 3.19 13.42 -16.73
CA GLU B 61 2.61 13.52 -18.08
C GLU B 61 1.15 13.96 -17.99
N PHE B 62 0.41 13.36 -17.06
CA PHE B 62 -1.00 13.71 -16.89
C PHE B 62 -1.15 15.14 -16.42
N ARG B 63 -0.41 15.48 -15.38
CA ARG B 63 -0.51 16.81 -14.80
C ARG B 63 -0.30 17.87 -15.86
N LYS B 64 0.69 17.65 -16.70
CA LYS B 64 1.03 18.61 -17.76
C LYS B 64 0.00 18.64 -18.87
N ARG B 65 -0.29 17.45 -19.41
CA ARG B 65 -1.22 17.32 -20.52
C ARG B 65 -2.63 17.80 -20.22
N PHE B 66 -3.11 17.55 -19.01
CA PHE B 66 -4.47 17.94 -18.65
C PHE B 66 -4.53 19.12 -17.69
N GLY B 67 -3.39 19.55 -17.18
CA GLY B 67 -3.37 20.67 -16.25
C GLY B 67 -4.33 20.41 -15.10
N CYS B 68 -4.34 19.18 -14.61
CA CYS B 68 -5.20 18.77 -13.50
C CYS B 68 -4.36 18.56 -12.26
N ARG B 69 -5.01 18.49 -11.11
CA ARG B 69 -4.28 18.19 -9.88
C ARG B 69 -4.22 16.67 -9.88
N ILE B 70 -3.18 16.09 -9.29
CA ILE B 70 -3.09 14.65 -9.22
C ILE B 70 -2.98 14.19 -7.77
N ILE B 71 -3.89 13.30 -7.38
CA ILE B 71 -3.84 12.70 -6.06
C ILE B 71 -3.30 11.29 -6.30
N ALA B 72 -2.19 10.94 -5.66
CA ALA B 72 -1.60 9.59 -5.79
C ALA B 72 -2.27 8.69 -4.75
N ASP B 73 -3.11 7.78 -5.21
CA ASP B 73 -3.80 6.92 -4.27
C ASP B 73 -3.01 5.67 -4.05
N PHE B 74 -2.00 5.78 -3.19
CA PHE B 74 -1.11 4.68 -2.94
C PHE B 74 -1.42 3.94 -1.63
N LYS B 75 -2.44 4.43 -0.91
CA LYS B 75 -2.90 3.82 0.34
C LYS B 75 -1.72 3.32 1.15
N VAL B 76 -0.80 4.27 1.37
CA VAL B 76 0.44 3.99 2.05
C VAL B 76 0.21 3.31 3.39
N ALA B 77 0.87 2.18 3.61
CA ALA B 77 0.62 1.43 4.82
C ALA B 77 1.89 0.69 5.33
N ASP B 78 2.99 1.42 5.42
CA ASP B 78 4.25 0.79 5.86
C ASP B 78 4.73 1.45 7.17
N ILE B 79 5.95 1.11 7.58
CA ILE B 79 6.54 1.68 8.79
C ILE B 79 6.94 3.12 8.47
N PRO B 80 7.22 3.92 9.52
CA PRO B 80 7.58 5.32 9.28
C PRO B 80 8.65 5.59 8.23
N GLU B 81 9.78 4.89 8.39
CA GLU B 81 10.89 5.12 7.49
C GLU B 81 10.60 4.85 6.04
N THR B 82 9.84 3.80 5.76
CA THR B 82 9.51 3.47 4.38
C THR B 82 8.43 4.41 3.85
N ASN B 83 7.48 4.76 4.73
CA ASN B 83 6.44 5.70 4.33
C ASN B 83 7.12 7.01 3.88
N GLU B 84 8.14 7.45 4.60
CA GLU B 84 8.80 8.70 4.19
C GLU B 84 9.36 8.59 2.77
N LYS B 85 10.00 7.45 2.48
CA LYS B 85 10.59 7.23 1.17
C LYS B 85 9.54 7.17 0.09
N ILE B 86 8.42 6.53 0.38
CA ILE B 86 7.36 6.43 -0.62
C ILE B 86 6.77 7.83 -0.90
N CYS B 87 6.53 8.62 0.15
CA CYS B 87 6.01 9.96 -0.06
C CYS B 87 7.01 10.82 -0.83
N ARG B 88 8.29 10.71 -0.49
CA ARG B 88 9.29 11.53 -1.20
C ARG B 88 9.31 11.19 -2.70
N ALA B 89 9.28 9.89 -3.01
CA ALA B 89 9.31 9.49 -4.41
C ALA B 89 8.05 9.94 -5.14
N THR B 90 6.93 9.92 -4.43
CA THR B 90 5.67 10.27 -5.05
C THR B 90 5.57 11.76 -5.33
N PHE B 91 6.04 12.57 -4.38
CA PHE B 91 6.00 14.02 -4.61
C PHE B 91 7.04 14.43 -5.65
N LYS B 92 8.19 13.74 -5.66
CA LYS B 92 9.22 14.02 -6.66
C LYS B 92 8.64 13.77 -8.04
N ALA B 93 7.73 12.81 -8.14
CA ALA B 93 7.10 12.48 -9.41
C ALA B 93 6.04 13.50 -9.86
N GLY B 94 5.73 14.48 -9.00
CA GLY B 94 4.77 15.49 -9.40
C GLY B 94 3.41 15.42 -8.75
N ALA B 95 3.15 14.43 -7.91
CA ALA B 95 1.82 14.36 -7.29
C ALA B 95 1.53 15.55 -6.36
N ASP B 96 0.29 16.00 -6.34
CA ASP B 96 -0.08 17.11 -5.45
C ASP B 96 -0.41 16.63 -4.04
N ALA B 97 -0.88 15.40 -3.92
CA ALA B 97 -1.26 14.84 -2.63
C ALA B 97 -1.12 13.32 -2.68
N ILE B 98 -1.10 12.69 -1.52
CA ILE B 98 -1.00 11.25 -1.45
C ILE B 98 -2.01 10.73 -0.43
N ILE B 99 -2.63 9.58 -0.71
CA ILE B 99 -3.57 8.99 0.25
C ILE B 99 -2.83 7.95 1.11
C ILE B 99 -2.83 7.94 1.08
N VAL B 100 -2.94 8.11 2.42
N VAL B 100 -2.97 8.04 2.39
CA VAL B 100 -2.28 7.26 3.42
CA VAL B 100 -2.29 7.14 3.31
C VAL B 100 -3.26 6.55 4.36
C VAL B 100 -3.25 6.52 4.32
N HIS B 101 -3.00 5.28 4.67
N HIS B 101 -3.04 5.25 4.63
CA HIS B 101 -3.86 4.54 5.60
C HIS B 101 -3.57 5.02 7.01
N GLY B 102 -4.60 5.11 7.84
CA GLY B 102 -4.37 5.45 9.22
C GLY B 102 -4.21 4.24 10.12
C GLY B 102 -4.27 4.21 10.09
N PHE B 103 -4.61 3.06 9.67
N PHE B 103 -4.76 3.06 9.63
CA PHE B 103 -4.52 1.92 10.58
CA PHE B 103 -4.76 1.84 10.45
C PHE B 103 -3.11 1.50 11.06
C PHE B 103 -3.38 1.48 11.05
N PRO B 104 -2.04 1.86 10.32
N PRO B 104 -2.27 1.73 10.31
CA PRO B 104 -0.72 1.47 10.84
CA PRO B 104 -0.95 1.40 10.87
C PRO B 104 -0.34 2.29 12.06
C PRO B 104 -0.47 2.29 12.03
N GLY B 105 -1.11 3.34 12.36
N GLY B 105 -1.23 3.32 12.40
CA GLY B 105 -0.80 4.13 13.54
C GLY B 105 -0.27 5.53 13.30
N ALA B 106 -0.12 6.27 14.40
CA ALA B 106 0.26 7.67 14.31
C ALA B 106 1.65 7.96 13.81
N ASP B 107 2.61 7.12 14.13
CA ASP B 107 3.97 7.41 13.67
C ASP B 107 4.06 7.25 12.15
N SER B 108 3.34 6.26 11.62
CA SER B 108 3.37 6.07 10.17
C SER B 108 2.73 7.24 9.45
N VAL B 109 1.64 7.77 10.02
CA VAL B 109 0.97 8.91 9.41
C VAL B 109 1.85 10.17 9.57
N ARG B 110 2.44 10.37 10.74
CA ARG B 110 3.31 11.55 10.95
C ARG B 110 4.47 11.56 9.95
N ALA B 111 5.00 10.39 9.63
CA ALA B 111 6.09 10.34 8.68
C ALA B 111 5.67 10.94 7.34
N CYS B 112 4.43 10.66 6.91
CA CYS B 112 3.93 11.17 5.62
C CYS B 112 3.70 12.68 5.75
N LEU B 113 3.11 13.11 6.87
CA LEU B 113 2.90 14.54 7.08
C LEU B 113 4.22 15.32 7.08
N ASN B 114 5.28 14.75 7.65
CA ASN B 114 6.57 15.47 7.67
C ASN B 114 7.09 15.67 6.26
N VAL B 115 7.02 14.64 5.41
CA VAL B 115 7.47 14.81 4.04
C VAL B 115 6.60 15.81 3.26
N ALA B 116 5.27 15.75 3.44
CA ALA B 116 4.39 16.67 2.74
C ALA B 116 4.73 18.09 3.17
N GLU B 117 5.05 18.27 4.45
CA GLU B 117 5.38 19.62 4.95
C GLU B 117 6.67 20.08 4.30
N GLU B 118 7.65 19.19 4.22
CA GLU B 118 8.92 19.54 3.61
C GLU B 118 8.79 19.88 2.12
N MET B 119 7.84 19.23 1.43
CA MET B 119 7.72 19.41 -0.01
C MET B 119 6.54 20.25 -0.48
N GLY B 120 5.82 20.83 0.48
CA GLY B 120 4.71 21.69 0.16
C GLY B 120 3.54 20.98 -0.48
N ARG B 121 3.28 19.75 -0.02
CA ARG B 121 2.19 18.95 -0.57
C ARG B 121 1.18 18.56 0.53
N GLU B 122 0.20 17.74 0.15
CA GLU B 122 -0.79 17.32 1.12
C GLU B 122 -0.97 15.83 1.28
N VAL B 123 -1.42 15.47 2.47
CA VAL B 123 -1.72 14.08 2.82
C VAL B 123 -3.22 13.95 3.05
N PHE B 124 -3.80 12.90 2.45
CA PHE B 124 -5.21 12.57 2.73
C PHE B 124 -5.18 11.33 3.61
N LEU B 125 -5.90 11.35 4.73
CA LEU B 125 -5.92 10.20 5.62
C LEU B 125 -7.14 9.33 5.34
N LEU B 126 -6.90 8.08 4.96
CA LEU B 126 -8.01 7.14 4.71
C LEU B 126 -8.40 6.55 6.07
N THR B 127 -9.66 6.72 6.44
CA THR B 127 -10.14 6.21 7.72
C THR B 127 -10.82 4.85 7.47
N GLU B 128 -12.08 4.85 7.07
CA GLU B 128 -12.79 3.60 6.81
C GLU B 128 -12.86 3.36 5.31
N MET B 129 -12.68 2.10 4.87
CA MET B 129 -12.73 1.76 3.46
C MET B 129 -14.14 1.45 3.04
N SER B 130 -14.36 1.48 1.73
CA SER B 130 -15.69 1.33 1.16
C SER B 130 -16.17 -0.08 0.82
N HIS B 131 -15.26 -1.05 0.76
CA HIS B 131 -15.65 -2.41 0.37
C HIS B 131 -16.19 -3.23 1.54
N PRO B 132 -16.85 -4.36 1.23
CA PRO B 132 -17.42 -5.19 2.31
C PRO B 132 -16.46 -5.60 3.43
N GLY B 133 -15.26 -6.00 3.04
CA GLY B 133 -14.27 -6.45 4.00
C GLY B 133 -13.86 -5.41 5.02
N ALA B 134 -14.12 -4.14 4.74
CA ALA B 134 -13.77 -3.08 5.68
C ALA B 134 -14.50 -3.27 6.99
N GLU B 135 -15.62 -4.00 6.96
CA GLU B 135 -16.36 -4.19 8.21
C GLU B 135 -15.66 -5.09 9.22
N MET B 136 -14.71 -5.89 8.74
CA MET B 136 -14.07 -6.84 9.63
C MET B 136 -13.17 -6.26 10.68
N PHE B 137 -12.27 -5.37 10.25
CA PHE B 137 -11.32 -4.77 11.18
C PHE B 137 -11.25 -3.26 11.11
N ILE B 138 -11.36 -2.70 9.91
CA ILE B 138 -11.19 -1.27 9.82
C ILE B 138 -12.32 -0.46 10.43
N GLN B 139 -13.56 -0.87 10.18
CA GLN B 139 -14.69 -0.10 10.69
C GLN B 139 -14.64 0.14 12.19
N GLY B 140 -14.31 -0.90 12.94
CA GLY B 140 -14.25 -0.78 14.39
C GLY B 140 -13.18 0.18 14.89
N ALA B 141 -12.18 0.44 14.07
CA ALA B 141 -11.12 1.33 14.49
C ALA B 141 -11.23 2.69 13.80
N ALA B 142 -12.15 2.82 12.84
CA ALA B 142 -12.20 4.05 12.07
C ALA B 142 -12.45 5.34 12.80
N ASP B 143 -13.34 5.33 13.78
CA ASP B 143 -13.60 6.59 14.50
C ASP B 143 -12.32 7.05 15.20
N GLU B 144 -11.61 6.09 15.79
CA GLU B 144 -10.37 6.37 16.48
C GLU B 144 -9.29 6.83 15.50
N ILE B 145 -9.26 6.22 14.32
CA ILE B 145 -8.27 6.63 13.30
C ILE B 145 -8.56 8.08 12.90
N ALA B 146 -9.84 8.43 12.78
CA ALA B 146 -10.21 9.79 12.41
C ALA B 146 -9.78 10.78 13.52
N ARG B 147 -10.02 10.41 14.76
CA ARG B 147 -9.64 11.28 15.89
C ARG B 147 -8.12 11.44 15.92
N MET B 148 -7.40 10.37 15.61
CA MET B 148 -5.94 10.42 15.58
C MET B 148 -5.52 11.45 14.53
N GLY B 149 -6.20 11.43 13.39
CA GLY B 149 -5.91 12.39 12.33
C GLY B 149 -6.10 13.81 12.82
N VAL B 150 -7.20 14.06 13.52
CA VAL B 150 -7.45 15.40 14.03
C VAL B 150 -6.31 15.80 14.97
N ASP B 151 -5.91 14.90 15.85
CA ASP B 151 -4.84 15.18 16.82
C ASP B 151 -3.51 15.47 16.14
N LEU B 152 -3.29 14.85 14.97
CA LEU B 152 -2.06 15.08 14.21
C LEU B 152 -2.13 16.30 13.32
N GLY B 153 -3.29 16.91 13.22
CA GLY B 153 -3.39 18.08 12.38
C GLY B 153 -3.74 17.80 10.92
N VAL B 154 -4.19 16.57 10.66
CA VAL B 154 -4.60 16.19 9.29
C VAL B 154 -5.82 17.03 8.89
N LYS B 155 -5.84 17.52 7.67
CA LYS B 155 -6.97 18.34 7.23
C LYS B 155 -7.73 17.75 6.04
N ASN B 156 -7.23 16.64 5.50
CA ASN B 156 -7.81 16.00 4.32
C ASN B 156 -8.08 14.54 4.67
N TYR B 157 -9.27 14.07 4.36
CA TYR B 157 -9.68 12.71 4.74
C TYR B 157 -10.42 11.97 3.64
N VAL B 158 -10.45 10.65 3.74
CA VAL B 158 -11.16 9.80 2.77
C VAL B 158 -12.07 8.87 3.59
N GLY B 159 -13.34 8.75 3.19
CA GLY B 159 -14.31 7.93 3.90
C GLY B 159 -15.22 7.28 2.87
N PRO B 160 -15.99 6.24 3.26
CA PRO B 160 -16.86 5.46 2.37
C PRO B 160 -18.21 5.91 1.87
N SER B 161 -18.35 6.00 0.56
CA SER B 161 -19.63 6.40 -0.07
C SER B 161 -20.66 5.30 0.21
N THR B 162 -20.20 4.06 0.31
CA THR B 162 -21.09 2.91 0.55
C THR B 162 -21.75 2.88 1.93
N ARG B 163 -21.30 3.70 2.86
CA ARG B 163 -21.91 3.73 4.20
C ARG B 163 -22.06 5.20 4.64
N PRO B 164 -23.09 5.90 4.13
CA PRO B 164 -23.30 7.30 4.48
C PRO B 164 -23.46 7.61 5.97
N GLU B 165 -23.94 6.65 6.75
CA GLU B 165 -24.06 6.86 8.18
C GLU B 165 -22.65 6.91 8.77
N ARG B 166 -21.72 6.14 8.19
CA ARG B 166 -20.34 6.16 8.70
C ARG B 166 -19.65 7.45 8.19
N LEU B 167 -20.00 7.87 6.98
CA LEU B 167 -19.44 9.09 6.43
C LEU B 167 -19.90 10.26 7.29
N SER B 168 -21.14 10.17 7.76
CA SER B 168 -21.67 11.25 8.60
C SER B 168 -20.89 11.33 9.92
N ARG B 169 -20.68 10.16 10.54
CA ARG B 169 -19.94 10.10 11.79
C ARG B 169 -18.51 10.60 11.58
N LEU B 170 -17.90 10.28 10.42
CA LEU B 170 -16.53 10.75 10.15
C LEU B 170 -16.51 12.27 10.03
N ARG B 171 -17.50 12.81 9.32
CA ARG B 171 -17.59 14.25 9.14
C ARG B 171 -17.76 14.89 10.51
N GLU B 172 -18.51 14.22 11.38
CA GLU B 172 -18.74 14.73 12.73
C GLU B 172 -17.43 14.87 13.50
N ILE B 173 -16.55 13.89 13.34
CA ILE B 173 -15.29 13.91 14.06
C ILE B 173 -14.33 14.95 13.50
N ILE B 174 -14.20 15.01 12.18
CA ILE B 174 -13.26 15.93 11.57
C ILE B 174 -13.70 17.37 11.45
N GLY B 175 -14.99 17.65 11.67
CA GLY B 175 -15.46 19.01 11.56
C GLY B 175 -15.74 19.48 10.15
N GLN B 176 -16.34 20.66 10.01
CA GLN B 176 -16.72 21.19 8.69
C GLN B 176 -15.59 21.82 7.89
N ASP B 177 -14.50 22.19 8.57
CA ASP B 177 -13.35 22.82 7.94
C ASP B 177 -12.44 21.82 7.19
N SER B 178 -12.49 20.56 7.60
CA SER B 178 -11.67 19.53 6.96
C SER B 178 -12.26 19.19 5.58
N PHE B 179 -11.41 18.72 4.67
CA PHE B 179 -11.82 18.37 3.31
C PHE B 179 -11.97 16.85 3.31
N LEU B 180 -13.10 16.36 2.80
CA LEU B 180 -13.41 14.92 2.81
C LEU B 180 -13.80 14.45 1.42
N ILE B 181 -13.09 13.43 0.92
CA ILE B 181 -13.42 12.89 -0.41
C ILE B 181 -13.85 11.45 -0.17
N SER B 182 -14.63 10.91 -1.11
CA SER B 182 -15.24 9.64 -0.86
C SER B 182 -15.37 8.71 -2.06
N PRO B 183 -14.74 7.53 -2.01
CA PRO B 183 -14.85 6.57 -3.11
C PRO B 183 -15.97 5.59 -2.80
N GLY B 184 -16.36 4.84 -3.83
CA GLY B 184 -17.43 3.86 -3.67
C GLY B 184 -18.71 4.27 -4.39
N VAL B 185 -18.64 5.35 -5.16
CA VAL B 185 -19.79 5.84 -5.90
C VAL B 185 -19.90 5.12 -7.23
N GLY B 186 -21.09 4.63 -7.52
CA GLY B 186 -21.35 3.95 -8.79
C GLY B 186 -21.18 2.46 -8.70
N ALA B 187 -20.05 1.99 -9.22
CA ALA B 187 -19.79 0.55 -9.23
C ALA B 187 -19.97 -0.14 -7.88
N GLN B 188 -19.51 0.47 -6.79
CA GLN B 188 -19.61 -0.16 -5.49
C GLN B 188 -20.96 0.02 -4.82
N GLY B 189 -21.82 0.82 -5.44
CA GLY B 189 -23.15 1.02 -4.90
C GLY B 189 -23.48 2.37 -4.30
N GLY B 190 -22.47 3.19 -4.04
CA GLY B 190 -22.71 4.50 -3.48
C GLY B 190 -23.42 5.44 -4.43
N ASP B 191 -24.14 6.39 -3.83
CA ASP B 191 -24.89 7.41 -4.58
C ASP B 191 -24.21 8.79 -4.53
N PRO B 192 -24.05 9.48 -5.68
CA PRO B 192 -23.40 10.80 -5.72
C PRO B 192 -24.05 11.79 -4.76
N GLY B 193 -25.35 11.98 -4.93
CA GLY B 193 -26.08 12.91 -4.09
C GLY B 193 -26.00 12.65 -2.61
N GLU B 194 -26.30 11.43 -2.16
CA GLU B 194 -26.25 11.14 -0.75
C GLU B 194 -24.83 11.29 -0.19
N THR B 195 -23.84 10.89 -0.97
CA THR B 195 -22.48 10.99 -0.48
C THR B 195 -22.08 12.44 -0.28
N LEU B 196 -22.50 13.32 -1.19
CA LEU B 196 -22.18 14.74 -1.11
C LEU B 196 -22.91 15.47 0.02
N ARG B 197 -23.77 14.78 0.75
CA ARG B 197 -24.39 15.43 1.91
C ARG B 197 -23.30 15.58 2.97
N PHE B 198 -22.28 14.71 2.91
CA PHE B 198 -21.20 14.71 3.91
C PHE B 198 -19.82 14.98 3.37
N ALA B 199 -19.55 14.45 2.18
CA ALA B 199 -18.23 14.65 1.58
C ALA B 199 -18.18 15.89 0.73
N ASP B 200 -16.99 16.49 0.60
CA ASP B 200 -16.85 17.65 -0.27
C ASP B 200 -16.74 17.26 -1.73
N ALA B 201 -16.21 16.07 -2.00
CA ALA B 201 -16.07 15.63 -3.39
C ALA B 201 -16.21 14.12 -3.43
N ILE B 202 -16.70 13.61 -4.57
CA ILE B 202 -16.83 12.18 -4.72
C ILE B 202 -15.79 11.66 -5.71
N ILE B 203 -15.29 10.46 -5.44
CA ILE B 203 -14.34 9.81 -6.35
C ILE B 203 -15.13 8.80 -7.20
N VAL B 204 -14.94 8.82 -8.52
CA VAL B 204 -15.67 7.86 -9.38
C VAL B 204 -14.68 7.26 -10.38
N GLY B 205 -14.61 5.93 -10.42
CA GLY B 205 -13.73 5.25 -11.35
C GLY B 205 -14.50 4.52 -12.43
N ARG B 206 -14.77 3.23 -12.21
CA ARG B 206 -15.41 2.40 -13.21
C ARG B 206 -16.69 2.95 -13.87
N SER B 207 -17.58 3.57 -13.09
CA SER B 207 -18.81 4.13 -13.68
C SER B 207 -18.54 5.08 -14.83
N ILE B 208 -17.36 5.68 -14.80
CA ILE B 208 -16.96 6.56 -15.88
C ILE B 208 -15.99 5.85 -16.85
N TYR B 209 -14.89 5.28 -16.34
CA TYR B 209 -13.93 4.75 -17.31
C TYR B 209 -14.25 3.44 -18.01
N LEU B 210 -15.25 2.72 -17.54
CA LEU B 210 -15.68 1.50 -18.25
C LEU B 210 -16.96 1.78 -19.04
N ALA B 211 -17.45 3.01 -18.98
CA ALA B 211 -18.67 3.33 -19.71
C ALA B 211 -18.44 3.37 -21.22
N ASP B 212 -19.49 3.08 -21.99
CA ASP B 212 -19.34 3.16 -23.45
C ASP B 212 -19.00 4.63 -23.84
N ASN B 213 -19.52 5.60 -23.10
CA ASN B 213 -19.25 7.02 -23.36
C ASN B 213 -18.88 7.66 -22.01
N PRO B 214 -17.57 7.68 -21.68
CA PRO B 214 -17.16 8.27 -20.39
C PRO B 214 -17.59 9.72 -20.17
N ALA B 215 -17.55 10.54 -21.22
CA ALA B 215 -17.97 11.93 -21.10
C ALA B 215 -19.44 12.03 -20.72
N ALA B 216 -20.28 11.19 -21.33
CA ALA B 216 -21.70 11.22 -21.02
C ALA B 216 -21.94 10.72 -19.60
N ALA B 217 -21.17 9.71 -19.17
CA ALA B 217 -21.33 9.20 -17.81
C ALA B 217 -20.95 10.30 -16.80
N ALA B 218 -19.84 10.99 -17.05
CA ALA B 218 -19.39 12.06 -16.15
C ALA B 218 -20.41 13.20 -16.13
N ALA B 219 -20.91 13.53 -17.32
CA ALA B 219 -21.91 14.60 -17.46
C ALA B 219 -23.18 14.26 -16.68
N GLY B 220 -23.60 13.01 -16.77
CA GLY B 220 -24.80 12.57 -16.07
C GLY B 220 -24.63 12.70 -14.56
N ILE B 221 -23.44 12.37 -14.07
CA ILE B 221 -23.20 12.49 -12.63
C ILE B 221 -23.23 13.95 -12.22
N ILE B 222 -22.58 14.83 -12.99
CA ILE B 222 -22.53 16.24 -12.68
C ILE B 222 -23.96 16.82 -12.62
N GLU B 223 -24.81 16.38 -13.54
CA GLU B 223 -26.19 16.84 -13.56
C GLU B 223 -26.89 16.53 -12.26
N SER B 224 -26.61 15.37 -11.67
CA SER B 224 -27.20 15.02 -10.39
C SER B 224 -26.65 15.96 -9.31
N ILE B 225 -25.34 16.18 -9.36
CA ILE B 225 -24.66 17.05 -8.41
C ILE B 225 -25.20 18.48 -8.41
N LYS B 226 -25.19 19.14 -9.57
CA LYS B 226 -25.68 20.51 -9.67
C LYS B 226 -27.08 20.64 -9.09
N ASP B 227 -27.89 19.60 -9.26
CA ASP B 227 -29.26 19.60 -8.76
C ASP B 227 -29.31 19.68 -7.23
N LEU B 228 -28.20 19.37 -6.57
CA LEU B 228 -28.13 19.41 -5.12
C LEU B 228 -27.92 20.86 -4.66
O3P 6AZ C . 15.59 -3.87 8.32
P 6AZ C . 14.75 -2.69 7.91
O1P 6AZ C . 14.00 -2.10 9.12
O2P 6AZ C . 15.59 -1.59 7.25
O5' 6AZ C . 13.72 -3.18 6.81
C5' 6AZ C . 12.40 -3.59 7.19
C4' 6AZ C . 11.66 -3.78 5.85
C3' 6AZ C . 11.32 -2.52 5.09
O3' 6AZ C . 11.24 -2.81 3.69
C2' 6AZ C . 9.95 -2.13 5.66
O2' 6AZ C . 9.26 -1.25 4.81
O4' 6AZ C . 10.36 -4.38 6.08
C1' 6AZ C . 9.28 -3.44 5.80
N1 6AZ C . 8.23 -3.64 6.86
C6 6AZ C . 6.88 -4.07 6.52
C5 6AZ C . 6.04 -4.47 7.51
C4 6AZ C . 6.44 -4.48 8.86
O4 6AZ C . 5.80 -4.88 9.83
N3 6AZ C . 7.75 -3.99 9.13
C2 6AZ C . 8.64 -3.56 8.22
O2 6AZ C . 9.72 -3.14 8.50
C1 GOL D . 32.96 -4.19 -0.30
O1 GOL D . 32.15 -4.09 0.88
C2 GOL D . 32.96 -5.53 -1.02
O2 GOL D . 32.04 -6.49 -0.44
C3 GOL D . 34.38 -6.06 -1.03
O3 GOL D . 34.50 -7.32 -1.66
C1 GOL E . 13.04 -7.64 21.29
O1 GOL E . 12.16 -8.17 22.29
C2 GOL E . 13.25 -6.13 21.31
O2 GOL E . 12.98 -5.51 22.59
C3 GOL E . 12.39 -5.52 20.21
O3 GOL E . 12.50 -4.11 20.13
C1 GOL F . 29.92 -5.76 9.80
O1 GOL F . 30.78 -6.47 10.65
C2 GOL F . 30.46 -4.41 9.50
O2 GOL F . 30.38 -3.57 10.65
C3 GOL F . 29.70 -3.82 8.36
O3 GOL F . 30.18 -2.53 8.05
O3P 6AZ G . -15.40 3.93 -8.70
P 6AZ G . -14.43 2.78 -8.44
O1P 6AZ G . -14.99 1.75 -7.46
O2P 6AZ G . -14.07 2.09 -9.77
O5' 6AZ G . -13.06 3.40 -7.87
C5' 6AZ G . -12.81 3.48 -6.46
C4' 6AZ G . -11.34 3.88 -6.35
C3' 6AZ G . -10.34 2.86 -6.75
O3' 6AZ G . -9.16 3.49 -7.24
C2' 6AZ G . -10.08 2.10 -5.47
O2' 6AZ G . -8.86 1.41 -5.49
O4' 6AZ G . -11.00 4.19 -4.99
C1' 6AZ G . -10.10 3.17 -4.45
N1 6AZ G . -10.52 2.88 -3.04
C6 6AZ G . -9.66 3.16 -1.93
C5 6AZ G . -10.13 3.10 -0.65
C4 6AZ G . -11.52 2.79 -0.42
O4 6AZ G . -12.09 2.77 0.67
N3 6AZ G . -12.27 2.48 -1.55
C2 6AZ G . -11.87 2.49 -2.84
O2 6AZ G . -12.56 2.21 -3.77
C1 GOL H . -22.18 6.33 -20.84
O1 GOL H . -22.04 5.16 -21.60
C2 GOL H . -23.56 6.48 -20.24
O2 GOL H . -24.55 5.83 -21.06
C3 GOL H . -23.86 7.93 -20.12
O3 GOL H . -25.15 8.15 -19.58
#